data_3R8X
#
_entry.id   3R8X
#
_cell.length_a   62.750
_cell.length_b   62.750
_cell.length_c   172.644
_cell.angle_alpha   90.00
_cell.angle_beta   90.00
_cell.angle_gamma   90.00
#
_symmetry.space_group_name_H-M   'P 43 2 2'
#
loop_
_entity.id
_entity.type
_entity.pdbx_description
1 polymer 'Methionyl-tRNA formyltransferase'
2 non-polymer METHIONINE
3 non-polymer 2-AMINO-2-HYDROXYMETHYL-PROPANE-1,3-DIOL
4 non-polymer GLYCEROL
5 non-polymer METHOXY-ETHOXYL
6 water water
#
_entity_poly.entity_id   1
_entity_poly.type   'polypeptide(L)'
_entity_poly.pdbx_seq_one_letter_code
;SNAMSDSLRIIFAGTPDFAARHLGALLSSQHKIVGVFTQPDRPAGRGNKLTPSPVKILAEHHGIPVFQPKSLRPEENQHL
VADLNADIMVVVAYGLILPAAVLAMPRLGCINVHGSLLPRWRGAAPIQRSVWAGDEKTGITIMQMDIGLDTGAMLHKIEC
AIQPEDTSATLYDKLAQLGPQGLLITLQQLAAGTALAEVQNETQATYAEKLSKEEAKLDWTLSATQLERCIRAFNPWPVS
YFIVDEQPIKVWQAQVLPAGEDAEPGTIIHADKHGIQVATADGVLNITQLQPAGKKAMSAADLLNSRREWFIPGSQLV
;
_entity_poly.pdbx_strand_id   A
#
# COMPACT_ATOMS: atom_id res chain seq x y z
N ALA A 3 -24.76 20.79 -16.13
CA ALA A 3 -23.95 22.01 -16.09
C ALA A 3 -22.44 21.76 -16.13
N MET A 4 -21.74 22.78 -16.62
CA MET A 4 -20.32 22.70 -16.95
C MET A 4 -19.39 22.51 -15.74
N SER A 5 -18.53 21.52 -15.84
CA SER A 5 -17.40 21.35 -14.94
C SER A 5 -16.29 22.33 -15.37
N ASP A 6 -15.17 22.32 -14.67
CA ASP A 6 -14.10 23.29 -14.93
C ASP A 6 -12.76 22.58 -15.12
N SER A 7 -11.81 23.22 -15.77
CA SER A 7 -10.52 22.60 -16.09
C SER A 7 -9.36 23.28 -15.33
N LEU A 8 -8.54 22.49 -14.65
CA LEU A 8 -7.47 23.05 -13.84
C LEU A 8 -6.12 22.77 -14.48
N ARG A 9 -5.15 23.64 -14.22
N ARG A 9 -5.15 23.65 -14.24
CA ARG A 9 -3.78 23.34 -14.63
CA ARG A 9 -3.77 23.36 -14.63
C ARG A 9 -3.04 22.71 -13.46
C ARG A 9 -3.10 22.68 -13.44
N ILE A 10 -2.56 21.49 -13.67
CA ILE A 10 -2.06 20.64 -12.61
C ILE A 10 -0.62 20.20 -12.77
N ILE A 11 0.14 20.26 -11.69
CA ILE A 11 1.44 19.63 -11.62
C ILE A 11 1.23 18.29 -10.93
N PHE A 12 1.73 17.22 -11.55
CA PHE A 12 1.58 15.91 -10.95
C PHE A 12 2.93 15.47 -10.43
N ALA A 13 2.98 14.97 -9.20
CA ALA A 13 4.19 14.40 -8.65
C ALA A 13 3.92 12.97 -8.14
N GLY A 14 4.63 12.00 -8.72
CA GLY A 14 4.49 10.61 -8.36
C GLY A 14 5.60 9.75 -8.91
N THR A 15 5.77 8.55 -8.37
CA THR A 15 6.78 7.65 -8.88
C THR A 15 6.32 6.26 -9.37
N PRO A 16 5.66 5.47 -8.52
CA PRO A 16 5.29 4.10 -8.83
C PRO A 16 4.00 3.88 -9.61
N ASP A 17 3.67 2.62 -9.87
N ASP A 17 3.71 2.55 -9.96
CA ASP A 17 2.53 2.26 -10.68
CA ASP A 17 2.52 2.14 -10.69
C ASP A 17 1.25 2.81 -10.11
C ASP A 17 1.24 2.74 -10.13
N PHE A 18 1.14 2.78 -8.80
CA PHE A 18 -0.04 3.35 -8.13
C PHE A 18 -0.21 4.80 -8.60
N ALA A 19 0.88 5.58 -8.59
CA ALA A 19 0.88 6.95 -9.13
C ALA A 19 0.57 7.06 -10.63
N ALA A 20 1.13 6.15 -11.43
CA ALA A 20 0.92 6.19 -12.87
C ALA A 20 -0.55 6.01 -13.22
N ARG A 21 -1.25 5.19 -12.45
N ARG A 21 -1.23 5.18 -12.45
CA ARG A 21 -2.66 4.98 -12.69
CA ARG A 21 -2.65 4.96 -12.62
C ARG A 21 -3.45 6.25 -12.41
C ARG A 21 -3.40 6.27 -12.44
N HIS A 22 -2.97 7.05 -11.46
CA HIS A 22 -3.57 8.36 -11.22
C HIS A 22 -3.27 9.37 -12.33
N LEU A 23 -2.00 9.47 -12.75
CA LEU A 23 -1.63 10.31 -13.90
C LEU A 23 -2.40 9.92 -15.17
N GLY A 24 -2.64 8.62 -15.36
CA GLY A 24 -3.47 8.14 -16.47
C GLY A 24 -4.88 8.70 -16.46
N ALA A 25 -5.54 8.67 -15.30
CA ALA A 25 -6.86 9.26 -15.22
C ALA A 25 -6.79 10.77 -15.51
N LEU A 26 -5.77 11.45 -15.00
CA LEU A 26 -5.62 12.88 -15.22
C LEU A 26 -5.43 13.20 -16.70
N LEU A 27 -4.61 12.40 -17.39
CA LEU A 27 -4.41 12.60 -18.81
C LEU A 27 -5.70 12.42 -19.59
N SER A 28 -6.59 11.56 -19.11
CA SER A 28 -7.88 11.32 -19.77
C SER A 28 -8.91 12.41 -19.49
N SER A 29 -8.66 13.22 -18.46
CA SER A 29 -9.64 14.23 -18.02
C SER A 29 -9.50 15.52 -18.82
N GLN A 30 -10.36 16.48 -18.53
CA GLN A 30 -10.29 17.79 -19.18
C GLN A 30 -9.22 18.69 -18.53
N HIS A 31 -8.62 18.24 -17.43
CA HIS A 31 -7.59 19.03 -16.78
C HIS A 31 -6.33 19.08 -17.60
N LYS A 32 -5.51 20.09 -17.33
CA LYS A 32 -4.28 20.28 -18.07
C LYS A 32 -3.09 19.95 -17.19
N ILE A 33 -2.33 18.91 -17.54
CA ILE A 33 -1.17 18.53 -16.76
C ILE A 33 0.03 19.26 -17.37
N VAL A 34 0.53 20.24 -16.64
CA VAL A 34 1.57 21.14 -17.13
C VAL A 34 2.99 20.59 -16.95
N GLY A 35 3.15 19.66 -16.01
CA GLY A 35 4.43 19.05 -15.75
C GLY A 35 4.31 17.91 -14.77
N VAL A 36 5.30 17.02 -14.79
CA VAL A 36 5.29 15.83 -13.95
C VAL A 36 6.59 15.74 -13.18
N PHE A 37 6.49 15.63 -11.87
CA PHE A 37 7.70 15.44 -11.05
C PHE A 37 7.81 13.99 -10.69
N THR A 38 9.03 13.44 -10.77
CA THR A 38 9.19 12.04 -10.40
C THR A 38 10.60 11.83 -9.83
N GLN A 39 10.82 10.71 -9.16
CA GLN A 39 12.13 10.49 -8.55
C GLN A 39 13.17 10.28 -9.62
N PRO A 40 14.42 10.61 -9.31
CA PRO A 40 15.49 10.34 -10.29
C PRO A 40 15.57 8.86 -10.61
N ASP A 41 15.95 8.50 -11.84
CA ASP A 41 16.01 7.09 -12.24
C ASP A 41 16.92 6.28 -11.31
N ARG A 42 16.50 5.07 -11.00
CA ARG A 42 17.29 4.21 -10.12
C ARG A 42 17.68 2.88 -10.77
N PRO A 43 18.78 2.28 -10.33
CA PRO A 43 19.19 0.95 -10.83
C PRO A 43 18.22 -0.16 -10.42
N LEU A 50 20.02 1.83 -14.99
CA LEU A 50 19.06 2.88 -14.64
C LEU A 50 17.67 2.64 -15.21
N THR A 51 16.65 2.74 -14.37
CA THR A 51 15.31 2.51 -14.84
C THR A 51 14.47 3.75 -14.58
N PRO A 52 13.66 4.14 -15.57
CA PRO A 52 12.70 5.23 -15.45
C PRO A 52 11.49 4.72 -14.68
N SER A 53 10.87 5.57 -13.89
CA SER A 53 9.74 5.14 -13.10
C SER A 53 8.57 4.99 -14.05
N PRO A 54 7.59 4.17 -13.67
CA PRO A 54 6.35 4.02 -14.42
C PRO A 54 5.72 5.39 -14.71
N VAL A 55 5.77 6.31 -13.75
CA VAL A 55 5.27 7.66 -14.00
C VAL A 55 6.02 8.33 -15.13
N LYS A 56 7.35 8.22 -15.10
CA LYS A 56 8.17 8.81 -16.15
C LYS A 56 7.83 8.23 -17.52
N ILE A 57 7.72 6.91 -17.60
CA ILE A 57 7.41 6.26 -18.87
C ILE A 57 6.08 6.76 -19.41
N LEU A 58 5.07 6.77 -18.56
CA LEU A 58 3.76 7.24 -18.97
C LEU A 58 3.79 8.73 -19.38
N ALA A 59 4.50 9.55 -18.62
CA ALA A 59 4.51 10.99 -18.92
C ALA A 59 5.15 11.25 -20.28
N GLU A 60 6.29 10.61 -20.52
N GLU A 60 6.30 10.61 -20.49
CA GLU A 60 7.04 10.86 -21.73
CA GLU A 60 7.09 10.77 -21.69
C GLU A 60 6.37 10.26 -22.95
C GLU A 60 6.26 10.35 -22.90
N HIS A 61 5.53 9.25 -22.72
CA HIS A 61 4.73 8.71 -23.80
C HIS A 61 3.77 9.76 -24.28
N HIS A 62 3.19 10.51 -23.35
CA HIS A 62 2.21 11.53 -23.68
C HIS A 62 2.85 12.89 -23.95
N GLY A 63 4.18 12.92 -23.91
CA GLY A 63 4.91 14.14 -24.21
C GLY A 63 4.77 15.21 -23.16
N ILE A 64 4.52 14.83 -21.91
CA ILE A 64 4.48 15.81 -20.83
C ILE A 64 5.88 16.08 -20.27
N PRO A 65 6.20 17.36 -20.01
CA PRO A 65 7.52 17.67 -19.43
C PRO A 65 7.74 16.97 -18.08
N VAL A 66 8.87 16.28 -17.97
CA VAL A 66 9.23 15.55 -16.76
C VAL A 66 10.38 16.24 -16.02
N PHE A 67 10.29 16.28 -14.69
CA PHE A 67 11.30 16.95 -13.89
C PHE A 67 11.72 16.01 -12.79
N GLN A 68 13.01 15.88 -12.57
CA GLN A 68 13.50 14.90 -11.60
C GLN A 68 14.55 15.46 -10.68
N PRO A 69 14.21 16.54 -9.96
CA PRO A 69 15.14 17.11 -8.97
C PRO A 69 15.40 16.12 -7.83
N LYS A 70 16.64 16.03 -7.36
CA LYS A 70 16.96 15.15 -6.25
C LYS A 70 16.22 15.62 -5.00
N SER A 71 16.07 16.94 -4.86
CA SER A 71 15.39 17.50 -3.72
C SER A 71 14.58 18.73 -4.13
N LEU A 72 13.47 18.96 -3.44
CA LEU A 72 12.73 20.21 -3.60
C LEU A 72 13.05 21.24 -2.52
N ARG A 73 13.86 20.87 -1.54
N ARG A 73 13.87 20.86 -1.54
CA ARG A 73 14.20 21.76 -0.43
CA ARG A 73 14.21 21.76 -0.43
C ARG A 73 15.04 22.97 -0.85
C ARG A 73 15.05 22.96 -0.83
N PRO A 74 16.07 22.75 -1.68
CA PRO A 74 16.93 23.86 -2.11
C PRO A 74 16.14 24.94 -2.88
N GLU A 75 16.33 26.19 -2.49
CA GLU A 75 15.45 27.29 -2.91
C GLU A 75 15.29 27.52 -4.41
N GLU A 76 16.28 27.16 -5.22
CA GLU A 76 16.07 27.36 -6.64
C GLU A 76 15.60 26.15 -7.44
N ASN A 77 15.39 25.01 -6.80
CA ASN A 77 14.68 23.92 -7.48
C ASN A 77 13.20 24.23 -7.38
N GLN A 78 12.89 25.25 -6.59
CA GLN A 78 11.52 25.61 -6.30
C GLN A 78 10.96 26.42 -7.43
N HIS A 79 11.85 27.00 -8.25
CA HIS A 79 11.42 27.73 -9.43
C HIS A 79 10.83 26.76 -10.46
N LEU A 80 11.20 25.49 -10.37
CA LEU A 80 10.64 24.52 -11.32
C LEU A 80 9.12 24.56 -11.19
N VAL A 81 8.67 24.66 -9.94
CA VAL A 81 7.26 24.66 -9.60
C VAL A 81 6.60 25.98 -9.97
N ALA A 82 7.20 27.09 -9.58
CA ALA A 82 6.62 28.41 -9.84
C ALA A 82 6.37 28.72 -11.33
N ASP A 83 7.26 28.25 -12.20
CA ASP A 83 7.22 28.59 -13.63
C ASP A 83 6.14 27.81 -14.38
N LEU A 84 5.73 26.69 -13.82
CA LEU A 84 4.65 25.89 -14.39
C LEU A 84 3.27 26.56 -14.25
N ASN A 85 3.13 27.59 -13.40
CA ASN A 85 1.90 28.39 -13.40
C ASN A 85 0.64 27.54 -13.18
N ALA A 86 0.60 26.78 -12.09
CA ALA A 86 -0.42 25.76 -11.90
C ALA A 86 -1.51 26.15 -10.91
N ASP A 87 -2.72 25.67 -11.11
CA ASP A 87 -3.77 25.83 -10.11
C ASP A 87 -3.50 24.97 -8.88
N ILE A 88 -2.92 23.81 -9.10
CA ILE A 88 -2.83 22.86 -8.01
C ILE A 88 -1.74 21.83 -8.28
N MET A 89 -1.27 21.20 -7.21
CA MET A 89 -0.35 20.10 -7.36
C MET A 89 -0.98 18.85 -6.79
N VAL A 90 -0.92 17.77 -7.56
CA VAL A 90 -1.42 16.48 -7.11
C VAL A 90 -0.26 15.55 -6.84
N VAL A 91 -0.26 14.98 -5.64
CA VAL A 91 0.87 14.19 -5.16
C VAL A 91 0.42 12.77 -4.82
N VAL A 92 1.00 11.79 -5.51
CA VAL A 92 0.65 10.40 -5.26
C VAL A 92 1.92 9.54 -5.17
N ALA A 93 2.21 9.00 -3.99
CA ALA A 93 3.40 8.17 -3.82
C ALA A 93 4.63 8.77 -4.48
N TYR A 94 4.89 10.04 -4.23
CA TYR A 94 6.01 10.75 -4.82
C TYR A 94 7.29 10.30 -4.16
N GLY A 95 7.33 10.34 -2.84
CA GLY A 95 8.52 9.84 -2.16
C GLY A 95 9.57 10.87 -1.79
N LEU A 96 9.36 12.12 -2.18
CA LEU A 96 10.20 13.22 -1.72
C LEU A 96 9.32 14.15 -0.93
N ILE A 97 9.91 14.92 -0.05
CA ILE A 97 9.13 15.82 0.79
C ILE A 97 8.83 17.11 0.03
N LEU A 98 7.65 17.66 0.25
CA LEU A 98 7.38 19.01 -0.23
C LEU A 98 7.61 19.99 0.90
N PRO A 99 8.68 20.77 0.81
CA PRO A 99 8.92 21.79 1.83
C PRO A 99 7.74 22.77 1.85
N ALA A 100 7.62 23.52 2.94
CA ALA A 100 6.55 24.51 3.11
C ALA A 100 6.47 25.49 1.94
N ALA A 101 7.62 25.91 1.41
CA ALA A 101 7.65 26.92 0.35
C ALA A 101 6.97 26.43 -0.94
N VAL A 102 7.14 25.16 -1.25
CA VAL A 102 6.50 24.56 -2.41
C VAL A 102 5.00 24.33 -2.15
N LEU A 103 4.66 23.89 -0.95
CA LEU A 103 3.27 23.65 -0.61
C LEU A 103 2.49 24.94 -0.75
N ALA A 104 3.16 26.02 -0.38
CA ALA A 104 2.63 27.38 -0.47
C ALA A 104 2.37 27.92 -1.88
N MET A 105 3.07 27.44 -2.90
CA MET A 105 2.92 27.99 -4.24
C MET A 105 1.64 27.88 -5.08
N PRO A 106 1.06 26.69 -5.24
CA PRO A 106 -0.09 26.54 -6.13
C PRO A 106 -1.30 27.24 -5.62
N ARG A 107 -2.12 27.77 -6.52
CA ARG A 107 -3.23 28.62 -6.12
C ARG A 107 -4.12 27.90 -5.11
N LEU A 108 -4.42 26.65 -5.40
CA LEU A 108 -5.25 25.80 -4.55
C LEU A 108 -4.45 24.86 -3.62
N GLY A 109 -3.14 25.00 -3.58
CA GLY A 109 -2.35 24.18 -2.67
C GLY A 109 -1.97 22.84 -3.29
N CYS A 110 -1.61 21.90 -2.43
CA CYS A 110 -1.22 20.58 -2.86
C CYS A 110 -2.09 19.53 -2.19
N ILE A 111 -2.59 18.58 -2.97
CA ILE A 111 -3.36 17.50 -2.42
C ILE A 111 -2.67 16.16 -2.70
N ASN A 112 -2.97 15.20 -1.85
CA ASN A 112 -2.36 13.90 -1.88
C ASN A 112 -3.46 12.80 -1.84
N VAL A 113 -3.25 11.75 -2.62
CA VAL A 113 -4.08 10.55 -2.54
C VAL A 113 -3.37 9.52 -1.68
N HIS A 114 -3.95 9.22 -0.53
CA HIS A 114 -3.37 8.29 0.44
C HIS A 114 -4.21 7.00 0.52
N GLY A 115 -3.52 5.89 0.72
CA GLY A 115 -4.03 4.53 0.58
C GLY A 115 -4.71 3.91 1.80
N SER A 116 -5.28 4.73 2.67
CA SER A 116 -6.05 4.22 3.79
C SER A 116 -7.17 5.21 4.05
N LEU A 117 -8.00 4.93 5.06
CA LEU A 117 -8.98 5.93 5.48
C LEU A 117 -8.40 6.64 6.70
N LEU A 118 -7.93 7.86 6.50
CA LEU A 118 -7.21 8.58 7.52
C LEU A 118 -8.19 8.97 8.61
N PRO A 119 -7.72 9.18 9.83
CA PRO A 119 -6.38 9.23 10.45
C PRO A 119 -5.65 7.89 10.50
N ARG A 120 -6.39 6.81 10.28
CA ARG A 120 -5.84 5.48 10.43
C ARG A 120 -4.80 5.19 9.36
N TRP A 121 -3.68 4.59 9.77
CA TRP A 121 -2.65 4.15 8.83
C TRP A 121 -2.01 5.27 8.03
N ARG A 122 -1.59 6.31 8.75
CA ARG A 122 -0.65 7.27 8.22
C ARG A 122 0.68 6.55 7.95
N GLY A 123 1.50 7.07 7.04
CA GLY A 123 2.80 6.47 6.84
C GLY A 123 3.04 5.57 5.66
N ALA A 124 4.06 4.71 5.78
CA ALA A 124 4.65 4.02 4.63
C ALA A 124 3.83 2.87 4.01
N ALA A 125 3.16 2.07 4.85
CA ALA A 125 2.54 0.85 4.35
C ALA A 125 1.07 0.67 4.77
N PRO A 126 0.22 1.62 4.42
CA PRO A 126 -1.18 1.54 4.86
C PRO A 126 -2.00 0.39 4.25
N ILE A 127 -1.71 0.00 3.01
CA ILE A 127 -2.47 -1.07 2.38
C ILE A 127 -2.14 -2.39 3.07
N GLN A 128 -0.84 -2.68 3.19
CA GLN A 128 -0.37 -3.90 3.85
C GLN A 128 -0.81 -3.97 5.32
N ARG A 129 -0.69 -2.85 6.03
CA ARG A 129 -1.06 -2.85 7.44
C ARG A 129 -2.55 -3.01 7.68
N SER A 130 -3.38 -2.50 6.77
CA SER A 130 -4.81 -2.63 6.99
C SER A 130 -5.20 -4.10 6.88
N VAL A 131 -4.54 -4.85 5.98
CA VAL A 131 -4.78 -6.28 5.86
C VAL A 131 -4.25 -6.98 7.11
N TRP A 132 -3.03 -6.62 7.48
CA TRP A 132 -2.36 -7.21 8.62
C TRP A 132 -3.16 -7.10 9.92
N ALA A 133 -3.83 -5.98 10.14
CA ALA A 133 -4.61 -5.79 11.37
C ALA A 133 -6.04 -6.31 11.29
N GLY A 134 -6.42 -6.82 10.13
CA GLY A 134 -7.74 -7.39 9.97
C GLY A 134 -8.86 -6.38 9.92
N ASP A 135 -8.58 -5.17 9.44
CA ASP A 135 -9.65 -4.18 9.26
C ASP A 135 -10.71 -4.73 8.33
N GLU A 136 -11.96 -4.49 8.64
CA GLU A 136 -13.05 -4.90 7.79
C GLU A 136 -13.05 -4.13 6.47
N LYS A 137 -12.81 -2.84 6.56
CA LYS A 137 -12.79 -1.94 5.43
C LYS A 137 -11.54 -1.10 5.42
N THR A 138 -11.03 -0.85 4.23
CA THR A 138 -9.99 0.13 4.01
C THR A 138 -10.51 1.14 2.98
N GLY A 139 -9.62 1.88 2.36
CA GLY A 139 -10.03 2.88 1.41
C GLY A 139 -8.93 3.83 1.00
N ILE A 140 -9.35 4.93 0.39
CA ILE A 140 -8.44 5.99 0.02
C ILE A 140 -8.98 7.28 0.57
N THR A 141 -8.09 8.18 0.93
CA THR A 141 -8.46 9.50 1.37
C THR A 141 -7.76 10.55 0.48
N ILE A 142 -8.51 11.54 0.01
CA ILE A 142 -7.94 12.69 -0.68
C ILE A 142 -7.71 13.76 0.39
N MET A 143 -6.48 14.22 0.51
CA MET A 143 -6.08 15.04 1.64
C MET A 143 -5.43 16.36 1.19
N GLN A 144 -5.71 17.46 1.89
CA GLN A 144 -5.09 18.74 1.61
C GLN A 144 -3.75 18.69 2.36
N MET A 145 -2.64 18.74 1.64
CA MET A 145 -1.34 18.54 2.25
C MET A 145 -0.91 19.69 3.14
N ASP A 146 -0.20 19.35 4.23
CA ASP A 146 0.29 20.36 5.15
C ASP A 146 1.66 19.97 5.66
N ILE A 147 2.13 20.66 6.69
CA ILE A 147 3.48 20.45 7.21
C ILE A 147 3.79 19.01 7.61
N GLY A 148 2.93 18.43 8.46
CA GLY A 148 3.19 17.11 9.04
C GLY A 148 3.06 15.90 8.14
N LEU A 149 3.22 14.71 8.70
CA LEU A 149 3.17 13.49 7.91
C LEU A 149 1.74 12.96 7.88
N ASP A 150 1.11 13.02 6.71
CA ASP A 150 -0.28 12.59 6.53
C ASP A 150 -1.22 13.14 7.59
N THR A 151 -0.97 14.35 8.06
CA THR A 151 -1.83 15.00 9.05
C THR A 151 -2.88 15.96 8.47
N GLY A 152 -2.86 16.19 7.16
CA GLY A 152 -3.66 17.24 6.57
C GLY A 152 -5.15 16.96 6.57
N ALA A 153 -5.96 18.01 6.44
CA ALA A 153 -7.39 17.88 6.39
C ALA A 153 -7.88 16.99 5.23
N MET A 154 -9.00 16.33 5.45
CA MET A 154 -9.47 15.31 4.53
C MET A 154 -10.58 15.88 3.67
N LEU A 155 -10.38 15.83 2.37
CA LEU A 155 -11.37 16.29 1.42
C LEU A 155 -12.42 15.26 1.02
N HIS A 156 -11.96 14.03 0.82
CA HIS A 156 -12.81 13.01 0.28
C HIS A 156 -12.34 11.64 0.72
N LYS A 157 -13.27 10.71 0.94
CA LYS A 157 -12.92 9.33 1.27
C LYS A 157 -13.81 8.37 0.52
N ILE A 158 -13.22 7.27 0.05
CA ILE A 158 -14.01 6.18 -0.53
C ILE A 158 -13.59 4.88 0.13
N GLU A 159 -14.57 4.14 0.66
CA GLU A 159 -14.33 2.84 1.29
C GLU A 159 -14.21 1.64 0.35
N CYS A 160 -13.49 0.65 0.83
CA CYS A 160 -13.36 -0.61 0.12
C CYS A 160 -13.34 -1.75 1.14
N ALA A 161 -14.16 -2.78 0.95
CA ALA A 161 -14.11 -3.92 1.87
C ALA A 161 -12.86 -4.73 1.62
N ILE A 162 -12.23 -5.16 2.71
CA ILE A 162 -11.20 -6.19 2.62
C ILE A 162 -11.88 -7.58 2.66
N GLN A 163 -11.70 -8.35 1.59
CA GLN A 163 -12.32 -9.67 1.43
C GLN A 163 -11.41 -10.73 2.03
N PRO A 164 -11.97 -11.92 2.30
CA PRO A 164 -11.27 -12.99 3.02
C PRO A 164 -9.97 -13.44 2.35
N GLU A 165 -9.91 -13.41 1.02
CA GLU A 165 -8.68 -13.73 0.30
C GLU A 165 -7.85 -12.54 -0.19
N ASP A 166 -8.26 -11.31 0.13
CA ASP A 166 -7.45 -10.15 -0.28
C ASP A 166 -6.03 -10.26 0.27
N THR A 167 -5.04 -10.11 -0.61
CA THR A 167 -3.65 -9.92 -0.21
C THR A 167 -3.28 -8.46 -0.40
N SER A 168 -2.05 -8.07 -0.07
CA SER A 168 -1.65 -6.70 -0.33
C SER A 168 -1.69 -6.42 -1.83
N ALA A 169 -1.33 -7.41 -2.64
CA ALA A 169 -1.37 -7.27 -4.08
C ALA A 169 -2.78 -7.02 -4.62
N THR A 170 -3.75 -7.84 -4.22
CA THR A 170 -5.07 -7.65 -4.79
C THR A 170 -5.75 -6.39 -4.24
N LEU A 171 -5.39 -5.99 -3.02
CA LEU A 171 -5.98 -4.81 -2.44
C LEU A 171 -5.37 -3.54 -3.07
N TYR A 172 -4.07 -3.59 -3.33
CA TYR A 172 -3.38 -2.56 -4.09
C TYR A 172 -4.12 -2.26 -5.38
N ASP A 173 -4.51 -3.33 -6.09
CA ASP A 173 -5.19 -3.23 -7.37
C ASP A 173 -6.54 -2.55 -7.24
N LYS A 174 -7.27 -2.87 -6.18
CA LYS A 174 -8.58 -2.24 -5.95
C LYS A 174 -8.39 -0.76 -5.67
N LEU A 175 -7.47 -0.43 -4.77
CA LEU A 175 -7.28 0.96 -4.38
C LEU A 175 -6.69 1.84 -5.51
N ALA A 176 -5.92 1.23 -6.41
CA ALA A 176 -5.40 1.94 -7.59
C ALA A 176 -6.52 2.32 -8.57
N GLN A 177 -7.63 1.60 -8.56
CA GLN A 177 -8.79 1.99 -9.33
C GLN A 177 -9.65 3.01 -8.62
N LEU A 178 -9.73 2.90 -7.29
N LEU A 178 -9.69 2.91 -7.28
CA LEU A 178 -10.58 3.79 -6.50
CA LEU A 178 -10.55 3.76 -6.47
C LEU A 178 -9.98 5.18 -6.36
C LEU A 178 -9.99 5.15 -6.29
N GLY A 179 -8.68 5.23 -6.07
CA GLY A 179 -8.01 6.51 -5.89
C GLY A 179 -8.23 7.54 -6.99
N PRO A 180 -8.11 7.13 -8.25
CA PRO A 180 -8.32 8.09 -9.35
C PRO A 180 -9.73 8.62 -9.36
N GLN A 181 -10.71 7.79 -9.04
CA GLN A 181 -12.07 8.28 -8.97
C GLN A 181 -12.21 9.36 -7.91
N GLY A 182 -11.70 9.10 -6.70
CA GLY A 182 -11.80 10.07 -5.63
C GLY A 182 -11.08 11.36 -5.95
N LEU A 183 -9.98 11.21 -6.67
CA LEU A 183 -9.19 12.39 -7.03
C LEU A 183 -9.96 13.31 -8.02
N LEU A 184 -10.57 12.69 -9.03
N LEU A 184 -10.57 12.69 -9.03
CA LEU A 184 -11.31 13.44 -10.04
CA LEU A 184 -11.35 13.42 -10.04
C LEU A 184 -12.56 14.14 -9.46
C LEU A 184 -12.53 14.15 -9.43
N ILE A 185 -13.20 13.48 -8.50
CA ILE A 185 -14.35 14.06 -7.84
C ILE A 185 -13.89 15.25 -7.04
N THR A 186 -12.75 15.10 -6.38
CA THR A 186 -12.26 16.15 -5.51
C THR A 186 -11.82 17.37 -6.32
N LEU A 187 -11.17 17.12 -7.45
CA LEU A 187 -10.73 18.21 -8.32
C LEU A 187 -11.92 19.03 -8.79
N GLN A 188 -13.01 18.38 -9.16
CA GLN A 188 -14.21 19.10 -9.54
C GLN A 188 -14.73 19.98 -8.38
N GLN A 189 -14.69 19.49 -7.15
CA GLN A 189 -15.15 20.31 -6.03
C GLN A 189 -14.25 21.48 -5.73
N LEU A 190 -12.95 21.28 -5.89
CA LEU A 190 -12.00 22.37 -5.65
C LEU A 190 -12.09 23.43 -6.74
N ALA A 191 -12.34 23.02 -7.98
CA ALA A 191 -12.52 23.97 -9.08
C ALA A 191 -13.79 24.80 -8.95
N ALA A 192 -14.84 24.18 -8.41
CA ALA A 192 -16.12 24.87 -8.25
C ALA A 192 -16.26 25.59 -6.91
N GLY A 193 -15.29 25.39 -6.02
CA GLY A 193 -15.32 26.02 -4.71
C GLY A 193 -16.22 25.35 -3.70
N THR A 194 -16.63 24.11 -4.00
CA THR A 194 -17.59 23.38 -3.16
C THR A 194 -17.00 22.37 -2.14
N ALA A 195 -15.67 22.28 -2.07
CA ALA A 195 -15.06 21.32 -1.16
C ALA A 195 -15.21 21.69 0.32
N LEU A 196 -15.13 20.64 1.15
CA LEU A 196 -15.24 20.74 2.59
C LEU A 196 -14.05 20.01 3.20
N ALA A 197 -13.24 20.72 3.98
CA ALA A 197 -12.10 20.10 4.63
C ALA A 197 -12.42 19.62 6.06
N GLU A 198 -12.18 18.34 6.35
CA GLU A 198 -12.39 17.79 7.70
C GLU A 198 -11.08 17.53 8.46
N VAL A 199 -10.93 18.16 9.61
CA VAL A 199 -9.71 18.00 10.42
C VAL A 199 -9.62 16.54 10.93
N GLN A 200 -8.43 15.95 10.85
CA GLN A 200 -8.24 14.60 11.31
C GLN A 200 -8.35 14.54 12.84
N ASN A 201 -8.94 13.47 13.36
CA ASN A 201 -8.99 13.25 14.81
C ASN A 201 -7.80 12.44 15.24
N GLU A 202 -6.94 13.11 16.00
CA GLU A 202 -5.59 12.63 16.29
C GLU A 202 -5.59 11.39 17.19
N THR A 203 -6.63 11.19 17.97
CA THR A 203 -6.66 9.99 18.80
C THR A 203 -6.96 8.69 18.01
N GLN A 204 -7.44 8.84 16.77
N GLN A 204 -7.45 8.85 16.78
CA GLN A 204 -7.73 7.67 15.93
CA GLN A 204 -7.74 7.69 15.93
C GLN A 204 -6.55 7.37 15.02
C GLN A 204 -6.59 7.40 15.00
N ALA A 205 -5.52 8.18 15.14
CA ALA A 205 -4.34 8.06 14.28
C ALA A 205 -3.50 6.86 14.67
N THR A 206 -3.04 6.15 13.66
CA THR A 206 -2.09 5.07 13.84
C THR A 206 -1.12 5.18 12.70
N TYR A 207 0.02 4.53 12.82
N TYR A 207 0.04 4.56 12.85
CA TYR A 207 1.08 4.68 11.83
CA TYR A 207 1.08 4.61 11.85
C TYR A 207 1.50 3.33 11.23
C TYR A 207 1.31 3.26 11.21
N ALA A 208 1.48 3.24 9.90
CA ALA A 208 1.69 1.99 9.19
C ALA A 208 3.16 1.79 8.85
N GLU A 209 3.80 0.88 9.56
CA GLU A 209 5.24 0.64 9.40
C GLU A 209 5.54 -0.24 8.17
N LYS A 210 6.69 0.01 7.56
CA LYS A 210 7.12 -0.85 6.46
C LYS A 210 7.31 -2.28 6.92
N LEU A 211 7.11 -3.22 6.00
CA LEU A 211 7.33 -4.64 6.27
C LEU A 211 8.83 -4.95 6.25
N SER A 212 9.21 -6.04 6.93
CA SER A 212 10.61 -6.49 6.98
C SER A 212 10.71 -8.00 6.89
N LYS A 213 11.85 -8.50 6.41
CA LYS A 213 12.12 -9.93 6.38
C LYS A 213 12.15 -10.48 7.79
N GLU A 214 12.41 -9.59 8.75
CA GLU A 214 12.47 -10.01 10.15
C GLU A 214 11.07 -10.34 10.64
N GLU A 215 10.12 -9.48 10.30
CA GLU A 215 8.75 -9.62 10.77
C GLU A 215 7.97 -10.71 10.03
N ALA A 216 8.47 -11.12 8.87
CA ALA A 216 7.77 -12.09 8.04
C ALA A 216 7.86 -13.52 8.59
N LYS A 217 8.84 -13.76 9.45
CA LYS A 217 8.94 -15.01 10.17
C LYS A 217 7.66 -15.22 10.95
N LEU A 218 7.04 -16.40 10.78
CA LEU A 218 5.78 -16.70 11.45
C LEU A 218 5.99 -16.81 12.97
N ASP A 219 5.17 -16.08 13.73
CA ASP A 219 5.31 -15.99 15.16
C ASP A 219 4.18 -16.74 15.85
N TRP A 220 4.51 -17.90 16.45
CA TRP A 220 3.51 -18.83 16.96
C TRP A 220 2.80 -18.33 18.21
N THR A 221 3.35 -17.29 18.86
CA THR A 221 2.71 -16.71 20.03
C THR A 221 1.59 -15.72 19.65
N LEU A 222 1.34 -15.54 18.36
CA LEU A 222 0.15 -14.79 17.97
C LEU A 222 -1.01 -15.77 17.79
N SER A 223 -2.23 -15.26 17.58
CA SER A 223 -3.36 -16.13 17.31
C SER A 223 -3.30 -16.63 15.87
N ALA A 224 -4.02 -17.71 15.59
CA ALA A 224 -4.08 -18.25 14.24
C ALA A 224 -4.62 -17.21 13.27
N THR A 225 -5.61 -16.46 13.72
CA THR A 225 -6.19 -15.46 12.83
C THR A 225 -5.17 -14.35 12.50
N GLN A 226 -4.30 -13.97 13.45
CA GLN A 226 -3.31 -12.93 13.18
C GLN A 226 -2.27 -13.44 12.21
N LEU A 227 -1.88 -14.69 12.36
CA LEU A 227 -0.88 -15.25 11.47
C LEU A 227 -1.43 -15.35 10.03
N GLU A 228 -2.70 -15.72 9.92
CA GLU A 228 -3.26 -15.85 8.59
C GLU A 228 -3.34 -14.47 7.93
N ARG A 229 -3.65 -13.45 8.73
N ARG A 229 -3.63 -13.45 8.72
CA ARG A 229 -3.65 -12.09 8.22
CA ARG A 229 -3.66 -12.09 8.20
C ARG A 229 -2.24 -11.77 7.70
C ARG A 229 -2.24 -11.65 7.79
N CYS A 230 -1.22 -12.19 8.45
CA CYS A 230 0.17 -11.90 8.09
C CYS A 230 0.50 -12.51 6.74
N ILE A 231 0.12 -13.76 6.57
CA ILE A 231 0.35 -14.45 5.31
C ILE A 231 -0.26 -13.69 4.12
N ARG A 232 -1.40 -13.05 4.31
CA ARG A 232 -1.99 -12.27 3.22
C ARG A 232 -1.33 -10.90 3.07
N ALA A 233 -1.02 -10.27 4.20
CA ALA A 233 -0.47 -8.92 4.19
C ALA A 233 0.94 -8.91 3.57
N PHE A 234 1.71 -9.96 3.87
CA PHE A 234 3.12 -10.05 3.46
C PHE A 234 3.28 -10.62 2.05
N ASN A 235 2.16 -10.87 1.39
CA ASN A 235 2.16 -11.25 -0.01
C ASN A 235 1.86 -9.99 -0.85
N PRO A 236 2.71 -9.65 -1.84
CA PRO A 236 3.90 -10.17 -2.53
C PRO A 236 5.27 -10.12 -1.80
N TRP A 237 5.45 -9.19 -0.87
CA TRP A 237 6.75 -9.04 -0.22
C TRP A 237 6.52 -8.65 1.23
N PRO A 238 7.33 -9.13 2.19
CA PRO A 238 8.41 -10.13 2.22
C PRO A 238 7.94 -11.59 2.01
N VAL A 239 6.64 -11.90 2.02
CA VAL A 239 6.29 -13.32 2.07
C VAL A 239 6.57 -14.13 3.34
N SER A 240 5.58 -14.23 4.24
CA SER A 240 5.70 -15.01 5.48
C SER A 240 6.39 -16.35 5.28
N TYR A 241 7.19 -16.72 6.27
CA TYR A 241 7.93 -17.99 6.24
C TYR A 241 8.15 -18.58 7.63
N PHE A 242 8.58 -19.83 7.65
CA PHE A 242 9.05 -20.42 8.88
C PHE A 242 10.28 -21.26 8.53
N ILE A 243 11.01 -21.70 9.54
CA ILE A 243 12.21 -22.50 9.33
C ILE A 243 11.99 -23.94 9.81
N VAL A 244 12.43 -24.89 9.01
CA VAL A 244 12.51 -26.28 9.46
C VAL A 244 13.77 -26.89 8.84
N ASP A 245 14.51 -27.64 9.65
CA ASP A 245 15.73 -28.29 9.21
C ASP A 245 16.69 -27.31 8.53
N GLU A 246 16.82 -26.13 9.13
CA GLU A 246 17.72 -25.10 8.63
C GLU A 246 17.34 -24.60 7.23
N GLN A 247 16.08 -24.76 6.83
CA GLN A 247 15.65 -24.23 5.54
C GLN A 247 14.49 -23.30 5.74
N PRO A 248 14.50 -22.14 5.05
CA PRO A 248 13.30 -21.31 5.04
C PRO A 248 12.24 -21.87 4.10
N ILE A 249 10.99 -21.83 4.54
CA ILE A 249 9.86 -22.32 3.74
C ILE A 249 8.85 -21.18 3.71
N LYS A 250 8.59 -20.65 2.52
CA LYS A 250 7.63 -19.56 2.39
C LYS A 250 6.23 -20.14 2.52
N VAL A 251 5.35 -19.38 3.15
CA VAL A 251 3.94 -19.73 3.27
C VAL A 251 3.03 -18.74 2.52
N TRP A 252 2.42 -19.25 1.45
CA TRP A 252 1.45 -18.54 0.60
C TRP A 252 -0.04 -18.50 1.01
N GLN A 253 -0.54 -19.62 1.54
CA GLN A 253 -1.93 -19.71 1.96
C GLN A 253 -2.07 -20.55 3.22
N ALA A 254 -3.05 -20.20 4.04
CA ALA A 254 -3.36 -20.92 5.26
C ALA A 254 -4.82 -20.77 5.58
N GLN A 255 -5.26 -21.46 6.63
CA GLN A 255 -6.61 -21.24 7.13
C GLN A 255 -6.59 -21.25 8.64
N VAL A 256 -7.67 -20.75 9.24
CA VAL A 256 -7.77 -20.63 10.69
C VAL A 256 -8.79 -21.63 11.21
N LEU A 257 -8.34 -22.56 12.05
CA LEU A 257 -9.21 -23.59 12.58
C LEU A 257 -9.40 -23.42 14.09
N PRO A 258 -10.55 -23.90 14.59
CA PRO A 258 -10.93 -23.80 16.00
C PRO A 258 -9.94 -24.43 16.94
N ALA A 259 -9.81 -23.80 18.11
CA ALA A 259 -9.06 -24.37 19.23
C ALA A 259 -9.55 -25.77 19.60
N GLY A 260 -8.61 -26.69 19.68
CA GLY A 260 -8.78 -28.05 20.15
C GLY A 260 -8.28 -28.25 21.58
N GLU A 261 -7.72 -29.42 21.80
CA GLU A 261 -6.93 -29.67 23.01
C GLU A 261 -5.82 -28.64 23.15
N ASP A 262 -5.49 -28.29 24.38
CA ASP A 262 -4.40 -27.37 24.62
C ASP A 262 -3.09 -27.92 24.06
N ALA A 263 -2.27 -27.02 23.52
CA ALA A 263 -0.95 -27.42 23.02
C ALA A 263 -0.05 -26.21 23.01
N GLU A 264 1.25 -26.45 22.94
CA GLU A 264 2.23 -25.39 23.06
C GLU A 264 2.41 -24.79 21.68
N PRO A 265 2.47 -23.45 21.59
CA PRO A 265 2.59 -22.75 20.30
C PRO A 265 3.75 -23.33 19.48
N GLY A 266 3.53 -23.57 18.20
CA GLY A 266 4.58 -24.13 17.36
C GLY A 266 4.54 -25.64 17.21
N THR A 267 3.69 -26.29 17.98
CA THR A 267 3.60 -27.74 17.90
C THR A 267 2.84 -28.20 16.67
N ILE A 268 3.37 -29.18 15.95
CA ILE A 268 2.62 -29.72 14.83
C ILE A 268 1.54 -30.65 15.40
N ILE A 269 0.28 -30.29 15.18
CA ILE A 269 -0.84 -31.09 15.61
C ILE A 269 -1.19 -32.21 14.63
N HIS A 270 -1.18 -31.91 13.34
CA HIS A 270 -1.51 -32.89 12.30
C HIS A 270 -0.74 -32.51 11.06
N ALA A 271 -0.37 -33.49 10.27
CA ALA A 271 0.15 -33.23 8.92
C ALA A 271 -0.43 -34.24 7.94
N ASP A 272 -1.10 -33.77 6.91
CA ASP A 272 -1.71 -34.67 5.93
C ASP A 272 -2.08 -33.88 4.68
N LYS A 273 -2.76 -34.52 3.72
CA LYS A 273 -3.08 -33.86 2.44
C LYS A 273 -3.85 -32.57 2.66
N HIS A 274 -4.55 -32.55 3.78
CA HIS A 274 -5.44 -31.49 4.22
C HIS A 274 -4.72 -30.16 4.48
N GLY A 275 -3.50 -30.26 4.98
CA GLY A 275 -2.70 -29.11 5.38
C GLY A 275 -1.76 -29.56 6.51
N ILE A 276 -0.93 -28.65 6.97
CA ILE A 276 -0.08 -28.89 8.14
C ILE A 276 -0.56 -27.96 9.26
N GLN A 277 -1.07 -28.56 10.33
CA GLN A 277 -1.72 -27.81 11.41
C GLN A 277 -0.75 -27.51 12.53
N VAL A 278 -0.65 -26.24 12.88
CA VAL A 278 0.33 -25.79 13.87
C VAL A 278 -0.40 -25.09 15.01
N ALA A 279 -0.08 -25.45 16.24
CA ALA A 279 -0.69 -24.78 17.39
C ALA A 279 -0.17 -23.34 17.50
N THR A 280 -1.05 -22.44 17.93
CA THR A 280 -0.71 -21.05 18.16
C THR A 280 -1.18 -20.66 19.55
N ALA A 281 -1.05 -19.39 19.88
CA ALA A 281 -1.57 -18.85 21.12
C ALA A 281 -3.08 -19.04 21.21
N ASP A 282 -3.78 -18.80 20.10
CA ASP A 282 -5.21 -18.99 20.06
C ASP A 282 -5.68 -19.63 18.74
N GLY A 283 -6.28 -20.81 18.80
CA GLY A 283 -6.71 -21.51 17.61
C GLY A 283 -5.58 -22.22 16.87
N VAL A 284 -5.92 -22.81 15.72
CA VAL A 284 -4.95 -23.59 14.95
C VAL A 284 -4.71 -23.01 13.54
N LEU A 285 -3.44 -22.90 13.15
CA LEU A 285 -3.11 -22.46 11.80
C LEU A 285 -2.93 -23.66 10.89
N ASN A 286 -3.79 -23.81 9.88
CA ASN A 286 -3.60 -24.88 8.92
C ASN A 286 -2.88 -24.30 7.71
N ILE A 287 -1.65 -24.73 7.45
CA ILE A 287 -0.84 -24.13 6.40
C ILE A 287 -1.03 -24.92 5.11
N THR A 288 -1.70 -24.32 4.13
CA THR A 288 -2.06 -25.07 2.92
C THR A 288 -1.19 -24.96 1.65
N GLN A 289 -0.36 -23.92 1.54
CA GLN A 289 0.47 -23.73 0.35
C GLN A 289 1.82 -23.18 0.75
N LEU A 290 2.89 -23.85 0.30
CA LEU A 290 4.22 -23.65 0.85
C LEU A 290 5.23 -23.56 -0.27
N GLN A 291 6.35 -22.89 0.01
CA GLN A 291 7.40 -22.76 -1.00
C GLN A 291 8.78 -23.00 -0.45
N PRO A 292 9.26 -24.23 -0.57
CA PRO A 292 10.67 -24.49 -0.24
C PRO A 292 11.62 -23.65 -1.12
N ALA A 293 12.80 -23.30 -0.60
CA ALA A 293 13.80 -22.64 -1.43
C ALA A 293 14.07 -23.42 -2.71
N GLY A 294 14.13 -22.71 -3.82
CA GLY A 294 14.48 -23.31 -5.10
C GLY A 294 13.38 -24.08 -5.81
N LYS A 295 12.20 -24.16 -5.21
CA LYS A 295 11.10 -24.91 -5.83
C LYS A 295 9.86 -24.06 -6.08
N LYS A 296 9.01 -24.53 -6.98
CA LYS A 296 7.74 -23.89 -7.24
C LYS A 296 6.81 -24.08 -6.02
N ALA A 297 5.95 -23.09 -5.76
CA ALA A 297 5.02 -23.16 -4.64
C ALA A 297 4.08 -24.36 -4.77
N MET A 298 3.92 -25.09 -3.66
CA MET A 298 3.25 -26.38 -3.71
C MET A 298 2.29 -26.62 -2.55
N SER A 299 1.44 -27.63 -2.71
CA SER A 299 0.52 -28.01 -1.68
C SER A 299 1.23 -28.74 -0.54
N ALA A 300 0.59 -28.77 0.63
CA ALA A 300 1.06 -29.57 1.75
C ALA A 300 1.27 -31.01 1.30
N ALA A 301 0.30 -31.55 0.57
CA ALA A 301 0.42 -32.92 0.05
C ALA A 301 1.77 -33.14 -0.69
N ASP A 302 2.10 -32.23 -1.60
CA ASP A 302 3.37 -32.31 -2.32
C ASP A 302 4.58 -32.32 -1.38
N LEU A 303 4.62 -31.38 -0.44
CA LEU A 303 5.77 -31.26 0.45
C LEU A 303 5.92 -32.44 1.41
N LEU A 304 4.81 -32.94 1.93
CA LEU A 304 4.83 -34.08 2.84
C LEU A 304 5.23 -35.35 2.12
N ASN A 305 4.91 -35.44 0.84
CA ASN A 305 5.31 -36.59 0.05
C ASN A 305 6.80 -36.68 -0.04
N SER A 306 7.44 -35.55 -0.36
CA SER A 306 8.89 -35.44 -0.34
C SER A 306 9.59 -35.40 1.02
N ARG A 307 9.02 -34.67 1.97
CA ARG A 307 9.66 -34.48 3.26
C ARG A 307 8.79 -34.65 4.49
N ARG A 308 8.36 -35.86 4.78
CA ARG A 308 7.53 -36.12 5.96
C ARG A 308 8.22 -35.81 7.29
N GLU A 309 9.51 -36.09 7.37
CA GLU A 309 10.28 -35.96 8.61
C GLU A 309 10.30 -34.55 9.17
N TRP A 310 10.18 -33.58 8.29
CA TRP A 310 10.12 -32.20 8.70
C TRP A 310 8.91 -31.93 9.57
N PHE A 311 7.82 -32.60 9.26
CA PHE A 311 6.53 -32.35 9.89
C PHE A 311 5.90 -33.42 10.77
N ILE A 312 6.70 -34.27 11.38
CA ILE A 312 6.15 -35.30 12.24
C ILE A 312 5.39 -34.68 13.40
N PRO A 313 4.21 -35.20 13.68
CA PRO A 313 3.35 -34.66 14.72
C PRO A 313 3.95 -34.76 16.10
N GLY A 314 3.71 -33.72 16.88
CA GLY A 314 4.21 -33.57 18.22
C GLY A 314 5.52 -32.83 18.26
N SER A 315 6.16 -32.69 17.11
CA SER A 315 7.38 -31.88 17.00
C SER A 315 7.08 -30.38 17.05
N GLN A 316 8.05 -29.58 17.44
CA GLN A 316 7.83 -28.16 17.59
C GLN A 316 8.72 -27.32 16.70
N LEU A 317 8.13 -26.30 16.09
CA LEU A 317 8.84 -25.40 15.19
C LEU A 317 9.42 -24.20 15.92
#